data_8BZA
#
_entry.id   8BZA
#
_cell.length_a   81.842
_cell.length_b   111.897
_cell.length_c   62.456
_cell.angle_alpha   90.00
_cell.angle_beta   90.00
_cell.angle_gamma   90.00
#
_symmetry.space_group_name_H-M   'C 2 2 21'
#
loop_
_entity.id
_entity.type
_entity.pdbx_description
1 polymer '14-3-3 protein sigma'
2 polymer 'ERalpha peptide'
3 non-polymer 'MAGNESIUM ION'
4 non-polymer 4-methyl-5-phenyl-thiophene-2-carboximidamide
5 water water
#
loop_
_entity_poly.entity_id
_entity_poly.type
_entity_poly.pdbx_seq_one_letter_code
_entity_poly.pdbx_strand_id
1 'polypeptide(L)'
;GAMGSMERASLIQKAKLAEQAERYEDMAAFMKGAVEKGEELSCEERNLLSVAYKNVVGGQRAAWRVLSSIEQKSNEEGSE
EKGPEVREYREKVETELQGVCDTVLGLLDSHLIKEAGDAESRVFYLKMKGDYYRYLAEVATGDDKKRIIDSARSAYQEAM
DISKKEMPPTNPIRLGLALNFSVFHYEIANSPEEAISLAKTTFDEAMADLHTLSEDSYKDSTLIMQLLRDNLTLWT
;
A
2 'polypeptide(L)' FPA(TPO)V B
#
loop_
_chem_comp.id
_chem_comp.type
_chem_comp.name
_chem_comp.formula
L1T non-polymer 4-methyl-5-phenyl-thiophene-2-carboximidamide 'C12 H12 N2 S'
MG non-polymer 'MAGNESIUM ION' 'Mg 2'
#
# COMPACT_ATOMS: atom_id res chain seq x y z
N GLY A 1 4.60 21.28 -12.58
CA GLY A 1 3.53 20.24 -12.61
C GLY A 1 2.66 20.42 -13.83
N ALA A 2 2.61 19.38 -14.66
CA ALA A 2 1.81 19.42 -15.87
C ALA A 2 0.32 19.60 -15.57
N MET A 3 -0.13 19.32 -14.34
CA MET A 3 -1.53 19.53 -13.95
C MET A 3 -1.77 20.86 -13.28
N GLY A 4 -0.76 21.73 -13.20
CA GLY A 4 -0.90 22.99 -12.49
C GLY A 4 -1.98 23.92 -13.03
N SER A 5 -2.28 23.83 -14.32
CA SER A 5 -3.27 24.71 -14.90
C SER A 5 -4.68 24.17 -14.84
N MET A 6 -4.89 22.96 -14.32
CA MET A 6 -6.23 22.37 -14.36
C MET A 6 -6.85 22.52 -12.96
N GLU A 7 -8.14 22.87 -12.95
CA GLU A 7 -8.86 23.05 -11.69
C GLU A 7 -8.83 21.78 -10.86
N ARG A 8 -8.79 21.96 -9.54
CA ARG A 8 -8.81 20.81 -8.64
C ARG A 8 -10.03 19.94 -8.90
N ALA A 9 -11.22 20.54 -9.03
CA ALA A 9 -12.42 19.73 -9.21
C ALA A 9 -12.37 18.95 -10.52
N SER A 10 -11.79 19.57 -11.56
CA SER A 10 -11.66 18.89 -12.85
C SER A 10 -10.69 17.72 -12.77
N LEU A 11 -9.61 17.87 -12.00
CA LEU A 11 -8.68 16.77 -11.80
C LEU A 11 -9.36 15.60 -11.12
N ILE A 12 -10.15 15.88 -10.09
CA ILE A 12 -10.88 14.84 -9.38
C ILE A 12 -11.89 14.16 -10.31
N GLN A 13 -12.62 14.96 -11.09
CA GLN A 13 -13.59 14.38 -12.02
C GLN A 13 -12.88 13.48 -13.04
N LYS A 14 -11.77 13.93 -13.58
CA LYS A 14 -11.03 13.13 -14.54
C LYS A 14 -10.41 11.90 -13.92
N ALA A 15 -9.98 11.97 -12.67
CA ALA A 15 -9.54 10.76 -11.98
C ALA A 15 -10.63 9.70 -11.95
N LYS A 16 -11.87 10.12 -11.68
CA LYS A 16 -12.98 9.18 -11.64
C LYS A 16 -13.26 8.61 -13.02
N LEU A 17 -13.16 9.43 -14.06
CA LEU A 17 -13.32 8.94 -15.43
C LEU A 17 -12.21 7.96 -15.78
N ALA A 18 -10.98 8.28 -15.40
CA ALA A 18 -9.85 7.41 -15.70
C ALA A 18 -10.04 6.07 -15.02
N GLU A 19 -10.57 6.06 -13.79
CA GLU A 19 -10.85 4.80 -13.11
C GLU A 19 -11.84 3.98 -13.92
N GLN A 20 -12.93 4.59 -14.38
CA GLN A 20 -13.93 3.86 -15.15
C GLN A 20 -13.32 3.29 -16.43
N ALA A 21 -12.39 4.01 -17.05
CA ALA A 21 -11.71 3.58 -18.27
C ALA A 21 -10.51 2.68 -18.00
N GLU A 22 -10.24 2.34 -16.74
CA GLU A 22 -9.09 1.51 -16.36
C GLU A 22 -7.77 2.10 -16.87
N ARG A 23 -7.66 3.42 -16.78
CA ARG A 23 -6.46 4.17 -17.16
C ARG A 23 -5.80 4.64 -15.88
N TYR A 24 -5.15 3.72 -15.17
CA TYR A 24 -4.70 4.04 -13.83
C TYR A 24 -3.49 4.96 -13.79
N GLU A 25 -2.63 4.92 -14.80
CA GLU A 25 -1.54 5.89 -14.85
C GLU A 25 -2.10 7.30 -14.97
N ASP A 26 -3.08 7.51 -15.85
CA ASP A 26 -3.73 8.81 -15.92
C ASP A 26 -4.37 9.16 -14.58
N MET A 27 -5.05 8.20 -13.97
CA MET A 27 -5.79 8.46 -12.74
C MET A 27 -4.78 8.94 -11.67
N ALA A 28 -3.62 8.30 -11.60
CA ALA A 28 -2.59 8.69 -10.63
C ALA A 28 -2.04 10.07 -10.94
N ALA A 29 -1.81 10.39 -12.22
CA ALA A 29 -1.35 11.73 -12.56
C ALA A 29 -2.38 12.79 -12.17
N PHE A 30 -3.65 12.53 -12.41
CA PHE A 30 -4.68 13.49 -12.02
C PHE A 30 -4.71 13.68 -10.51
N MET A 31 -4.63 12.58 -9.75
CA MET A 31 -4.67 12.70 -8.30
C MET A 31 -3.41 13.35 -7.74
N LYS A 32 -2.24 13.09 -8.32
CA LYS A 32 -1.05 13.84 -7.93
C LYS A 32 -1.26 15.34 -8.15
N GLY A 33 -1.82 15.71 -9.30
CA GLY A 33 -2.14 17.10 -9.53
C GLY A 33 -3.09 17.65 -8.48
N ALA A 34 -4.10 16.86 -8.10
CA ALA A 34 -5.04 17.32 -7.08
C ALA A 34 -4.34 17.53 -5.74
N VAL A 35 -3.51 16.57 -5.32
CA VAL A 35 -2.78 16.74 -4.07
C VAL A 35 -1.94 18.01 -4.12
N GLU A 36 -1.29 18.26 -5.24
CA GLU A 36 -0.39 19.41 -5.33
C GLU A 36 -1.13 20.74 -5.33
N LYS A 37 -2.45 20.76 -5.37
CA LYS A 37 -3.17 21.99 -5.13
C LYS A 37 -3.00 22.49 -3.70
N GLY A 38 -2.61 21.62 -2.77
CA GLY A 38 -2.26 22.03 -1.42
C GLY A 38 -3.37 21.89 -0.40
N GLU A 39 -4.60 21.63 -0.82
CA GLU A 39 -5.70 21.43 0.12
C GLU A 39 -5.70 19.98 0.61
N GLU A 40 -6.23 19.80 1.82
CA GLU A 40 -6.45 18.46 2.34
C GLU A 40 -7.41 17.69 1.44
N LEU A 41 -7.35 16.37 1.52
CA LEU A 41 -8.19 15.48 0.72
C LEU A 41 -9.33 14.93 1.57
N SER A 42 -10.50 14.86 0.97
CA SER A 42 -11.62 14.18 1.59
C SER A 42 -11.42 12.67 1.57
N CYS A 43 -12.29 11.95 2.26
CA CYS A 43 -12.17 10.50 2.28
C CYS A 43 -12.24 9.92 0.87
N GLU A 44 -13.20 10.36 0.07
CA GLU A 44 -13.32 9.86 -1.28
C GLU A 44 -12.05 10.16 -2.08
N GLU A 45 -11.53 11.38 -1.94
CA GLU A 45 -10.33 11.76 -2.68
C GLU A 45 -9.12 10.95 -2.25
N ARG A 46 -8.99 10.66 -0.95
CA ARG A 46 -7.88 9.83 -0.48
C ARG A 46 -7.96 8.46 -1.11
N ASN A 47 -9.17 7.90 -1.22
CA ASN A 47 -9.31 6.59 -1.84
C ASN A 47 -9.07 6.62 -3.34
N LEU A 48 -9.39 7.71 -4.04
CA LEU A 48 -9.01 7.81 -5.43
C LEU A 48 -7.50 7.79 -5.57
N LEU A 49 -6.80 8.53 -4.71
CA LEU A 49 -5.34 8.56 -4.75
C LEU A 49 -4.77 7.18 -4.54
N SER A 50 -5.28 6.48 -3.53
CA SER A 50 -4.71 5.17 -3.21
C SER A 50 -5.03 4.14 -4.28
N VAL A 51 -6.25 4.16 -4.81
CA VAL A 51 -6.60 3.19 -5.87
C VAL A 51 -5.69 3.40 -7.07
N ALA A 52 -5.46 4.65 -7.45
CA ALA A 52 -4.68 4.93 -8.64
C ALA A 52 -3.27 4.39 -8.50
N TYR A 53 -2.59 4.77 -7.43
CA TYR A 53 -1.20 4.35 -7.28
C TYR A 53 -1.09 2.87 -6.96
N LYS A 54 -2.07 2.30 -6.25
CA LYS A 54 -2.00 0.87 -5.97
C LYS A 54 -2.02 0.08 -7.27
N ASN A 55 -2.84 0.48 -8.22
CA ASN A 55 -2.92 -0.22 -9.48
C ASN A 55 -1.65 -0.03 -10.29
N VAL A 56 -1.11 1.19 -10.34
CA VAL A 56 0.12 1.43 -11.07
C VAL A 56 1.25 0.58 -10.49
N VAL A 57 1.48 0.69 -9.19
CA VAL A 57 2.62 -0.01 -8.60
C VAL A 57 2.37 -1.51 -8.58
N GLY A 58 1.10 -1.94 -8.52
CA GLY A 58 0.81 -3.36 -8.56
C GLY A 58 1.21 -3.97 -9.88
N GLY A 59 0.97 -3.26 -10.98
CA GLY A 59 1.43 -3.76 -12.26
C GLY A 59 2.94 -3.81 -12.33
N GLN A 60 3.62 -2.80 -11.80
CA GLN A 60 5.08 -2.79 -11.80
C GLN A 60 5.63 -3.93 -10.97
N ARG A 61 5.03 -4.19 -9.80
CA ARG A 61 5.48 -5.28 -8.94
C ARG A 61 5.30 -6.62 -9.64
N ALA A 62 4.17 -6.82 -10.29
CA ALA A 62 3.96 -8.08 -10.98
C ALA A 62 5.00 -8.27 -12.06
N ALA A 63 5.30 -7.21 -12.81
CA ALA A 63 6.30 -7.30 -13.88
C ALA A 63 7.68 -7.55 -13.30
N TRP A 64 8.04 -6.84 -12.24
CA TRP A 64 9.31 -7.06 -11.57
C TRP A 64 9.47 -8.50 -11.13
N ARG A 65 8.40 -9.11 -10.59
CA ARG A 65 8.50 -10.50 -10.13
C ARG A 65 8.74 -11.45 -11.29
N VAL A 66 8.07 -11.23 -12.42
CA VAL A 66 8.31 -12.07 -13.58
C VAL A 66 9.76 -11.97 -14.02
N LEU A 67 10.27 -10.75 -14.11
CA LEU A 67 11.63 -10.52 -14.60
C LEU A 67 12.67 -11.04 -13.61
N SER A 68 12.43 -10.82 -12.31
CA SER A 68 13.34 -11.35 -11.29
C SER A 68 13.44 -12.86 -11.34
N SER A 69 12.32 -13.53 -11.57
CA SER A 69 12.31 -14.98 -11.67
C SER A 69 13.10 -15.45 -12.88
N ILE A 70 12.93 -14.78 -14.02
CA ILE A 70 13.69 -15.13 -15.21
C ILE A 70 15.17 -14.91 -14.94
N GLU A 71 15.51 -13.82 -14.25
CA GLU A 71 16.90 -13.49 -14.00
C GLU A 71 17.54 -14.53 -13.09
N GLN A 72 16.82 -14.94 -12.05
CA GLN A 72 17.34 -15.96 -11.14
C GLN A 72 17.58 -17.27 -11.87
N LYS A 73 16.68 -17.65 -12.79
CA LYS A 73 16.88 -18.86 -13.56
C LYS A 73 18.05 -18.74 -14.53
N SER A 74 18.25 -17.55 -15.10
CA SER A 74 19.38 -17.34 -15.98
C SER A 74 20.71 -17.40 -15.22
N ASN A 75 20.68 -17.27 -13.90
CA ASN A 75 21.88 -17.27 -13.08
C ASN A 75 22.14 -18.59 -12.38
N GLU A 76 21.35 -19.64 -12.65
CA GLU A 76 21.55 -20.91 -11.98
C GLU A 76 22.67 -21.70 -12.65
N GLU A 77 23.10 -22.76 -11.97
CA GLU A 77 24.16 -23.62 -12.50
C GLU A 77 23.64 -24.41 -13.69
N GLY A 78 24.37 -24.34 -14.80
CA GLY A 78 24.00 -25.03 -16.02
C GLY A 78 23.24 -24.20 -17.01
N SER A 79 22.87 -22.96 -16.65
CA SER A 79 22.15 -22.10 -17.56
C SER A 79 23.09 -21.51 -18.60
N GLU A 80 22.56 -21.31 -19.81
CA GLU A 80 23.32 -20.68 -20.87
C GLU A 80 23.32 -19.17 -20.69
N GLU A 81 24.49 -18.56 -20.78
CA GLU A 81 24.60 -17.12 -20.64
C GLU A 81 23.76 -16.43 -21.73
N LYS A 82 22.92 -15.49 -21.31
CA LYS A 82 22.09 -14.73 -22.24
C LYS A 82 22.48 -13.26 -22.33
N GLY A 83 23.55 -12.86 -21.64
CA GLY A 83 23.98 -11.49 -21.69
C GLY A 83 23.34 -10.64 -20.60
N PRO A 84 23.56 -9.33 -20.68
CA PRO A 84 23.10 -8.41 -19.63
C PRO A 84 21.64 -8.03 -19.74
N GLU A 85 20.92 -8.48 -20.75
CA GLU A 85 19.63 -7.90 -21.06
C GLU A 85 18.59 -8.15 -19.97
N VAL A 86 18.53 -9.35 -19.40
CA VAL A 86 17.52 -9.62 -18.37
C VAL A 86 17.73 -8.72 -17.17
N ARG A 87 18.97 -8.64 -16.69
CA ARG A 87 19.28 -7.75 -15.58
C ARG A 87 18.95 -6.31 -15.93
N GLU A 88 19.33 -5.88 -17.14
CA GLU A 88 19.09 -4.49 -17.52
C GLU A 88 17.61 -4.18 -17.49
N TYR A 89 16.79 -5.07 -18.04
CA TYR A 89 15.38 -4.78 -18.13
C TYR A 89 14.71 -4.88 -16.76
N ARG A 90 15.10 -5.87 -15.94
CA ARG A 90 14.62 -5.90 -14.56
C ARG A 90 14.98 -4.62 -13.84
N GLU A 91 16.19 -4.09 -14.07
CA GLU A 91 16.62 -2.86 -13.44
C GLU A 91 15.80 -1.68 -13.93
N LYS A 92 15.43 -1.68 -15.21
CA LYS A 92 14.60 -0.61 -15.75
C LYS A 92 13.25 -0.57 -15.06
N VAL A 93 12.60 -1.73 -14.97
CA VAL A 93 11.29 -1.79 -14.30
C VAL A 93 11.45 -1.41 -12.84
N GLU A 94 12.52 -1.89 -12.20
CA GLU A 94 12.76 -1.60 -10.80
C GLU A 94 12.91 -0.10 -10.56
N THR A 95 13.64 0.58 -11.44
CA THR A 95 13.84 2.00 -11.28
C THR A 95 12.53 2.77 -11.47
N GLU A 96 11.70 2.34 -12.41
CA GLU A 96 10.40 2.97 -12.58
C GLU A 96 9.50 2.75 -11.36
N LEU A 97 9.51 1.55 -10.81
CA LEU A 97 8.79 1.24 -9.58
C LEU A 97 9.27 2.11 -8.43
N GLN A 98 10.58 2.22 -8.25
CA GLN A 98 11.12 3.05 -7.19
C GLN A 98 10.71 4.49 -7.40
N GLY A 99 10.64 4.92 -8.66
CA GLY A 99 10.22 6.28 -8.93
C GLY A 99 8.79 6.55 -8.51
N VAL A 100 7.90 5.60 -8.79
CA VAL A 100 6.51 5.73 -8.35
C VAL A 100 6.42 5.75 -6.83
N CYS A 101 7.14 4.86 -6.15
CA CYS A 101 7.11 4.88 -4.69
C CYS A 101 7.64 6.19 -4.15
N ASP A 102 8.74 6.70 -4.70
CA ASP A 102 9.29 7.98 -4.26
C ASP A 102 8.29 9.11 -4.48
N THR A 103 7.54 9.05 -5.57
CA THR A 103 6.54 10.07 -5.84
C THR A 103 5.44 10.05 -4.78
N VAL A 104 4.92 8.86 -4.47
CA VAL A 104 3.87 8.76 -3.45
C VAL A 104 4.40 9.19 -2.10
N LEU A 105 5.57 8.70 -1.71
CA LEU A 105 6.15 9.10 -0.43
C LEU A 105 6.38 10.60 -0.39
N GLY A 106 6.75 11.18 -1.54
CA GLY A 106 6.93 12.63 -1.57
C GLY A 106 5.63 13.39 -1.35
N LEU A 107 4.53 12.90 -1.91
CA LEU A 107 3.25 13.53 -1.66
C LEU A 107 2.87 13.43 -0.19
N LEU A 108 3.12 12.27 0.42
CA LEU A 108 2.79 12.10 1.82
C LEU A 108 3.61 13.05 2.70
N ASP A 109 4.89 13.25 2.35
CA ASP A 109 5.78 14.09 3.13
C ASP A 109 5.62 15.57 2.82
N SER A 110 5.00 15.91 1.70
CA SER A 110 4.84 17.30 1.26
C SER A 110 3.44 17.45 0.63
N HIS A 111 2.39 17.58 1.44
CA HIS A 111 2.45 17.75 2.89
C HIS A 111 1.27 17.05 3.53
N LEU A 112 0.88 15.91 2.96
CA LEU A 112 -0.35 15.29 3.39
C LEU A 112 -0.32 14.86 4.86
N ILE A 113 0.75 14.19 5.29
CA ILE A 113 0.78 13.66 6.65
C ILE A 113 0.75 14.79 7.67
N LYS A 114 1.57 15.83 7.47
CA LYS A 114 1.69 16.84 8.51
C LYS A 114 0.40 17.62 8.70
N GLU A 115 -0.48 17.67 7.71
CA GLU A 115 -1.75 18.37 7.85
C GLU A 115 -2.90 17.45 8.28
N ALA A 116 -2.64 16.15 8.42
CA ALA A 116 -3.68 15.16 8.71
C ALA A 116 -3.77 14.98 10.22
N GLY A 117 -4.85 15.49 10.80
CA GLY A 117 -5.07 15.44 12.23
C GLY A 117 -6.14 14.45 12.66
N ASP A 118 -7.14 14.21 11.83
CA ASP A 118 -8.16 13.24 12.19
C ASP A 118 -7.62 11.83 12.00
N ALA A 119 -8.07 10.90 12.84
CA ALA A 119 -7.54 9.54 12.76
C ALA A 119 -7.76 8.94 11.38
N GLU A 120 -8.93 9.12 10.80
N GLU A 120 -8.92 9.15 10.77
CA GLU A 120 -9.18 8.47 9.53
CA GLU A 120 -9.22 8.48 9.51
C GLU A 120 -8.19 8.91 8.46
C GLU A 120 -8.38 8.99 8.35
N SER A 121 -7.83 10.20 8.45
CA SER A 121 -6.89 10.66 7.44
C SER A 121 -5.48 10.28 7.80
N ARG A 122 -5.06 10.53 9.05
CA ARG A 122 -3.67 10.29 9.44
C ARG A 122 -3.33 8.82 9.37
N VAL A 123 -4.21 7.93 9.87
CA VAL A 123 -3.94 6.49 9.77
C VAL A 123 -3.86 6.05 8.32
N PHE A 124 -4.77 6.55 7.47
CA PHE A 124 -4.73 6.22 6.05
C PHE A 124 -3.40 6.58 5.43
N TYR A 125 -2.89 7.80 5.70
CA TYR A 125 -1.65 8.23 5.08
C TYR A 125 -0.46 7.48 5.64
N LEU A 126 -0.45 7.21 6.93
CA LEU A 126 0.66 6.46 7.51
C LEU A 126 0.67 5.02 7.02
N LYS A 127 -0.50 4.41 6.84
CA LYS A 127 -0.58 3.10 6.19
C LYS A 127 0.03 3.16 4.80
N MET A 128 -0.31 4.20 4.03
N MET A 128 -0.33 4.20 4.01
CA MET A 128 0.24 4.33 2.68
CA MET A 128 0.24 4.36 2.68
C MET A 128 1.76 4.48 2.73
C MET A 128 1.76 4.46 2.75
N LYS A 129 2.27 5.23 3.71
CA LYS A 129 3.71 5.37 3.85
C LYS A 129 4.34 4.01 4.12
N GLY A 130 3.76 3.23 5.02
CA GLY A 130 4.26 1.90 5.27
C GLY A 130 4.21 1.02 4.03
N ASP A 131 3.11 1.09 3.29
CA ASP A 131 2.97 0.27 2.10
C ASP A 131 4.03 0.60 1.05
N TYR A 132 4.28 1.90 0.80
CA TYR A 132 5.22 2.27 -0.27
C TYR A 132 6.66 2.04 0.15
N TYR A 133 6.99 2.19 1.42
CA TYR A 133 8.29 1.71 1.89
C TYR A 133 8.39 0.19 1.77
N ARG A 134 7.30 -0.52 2.01
CA ARG A 134 7.29 -1.97 1.84
C ARG A 134 7.58 -2.36 0.39
N TYR A 135 6.97 -1.65 -0.57
CA TYR A 135 7.25 -1.95 -1.97
C TYR A 135 8.71 -1.64 -2.31
N LEU A 136 9.28 -0.56 -1.77
CA LEU A 136 10.72 -0.32 -1.92
C LEU A 136 11.53 -1.46 -1.32
N ALA A 137 11.12 -1.96 -0.15
CA ALA A 137 11.87 -3.04 0.50
C ALA A 137 11.84 -4.32 -0.32
N GLU A 138 10.77 -4.57 -1.06
CA GLU A 138 10.67 -5.80 -1.85
C GLU A 138 11.78 -5.88 -2.88
N VAL A 139 12.29 -4.74 -3.35
CA VAL A 139 13.31 -4.70 -4.40
C VAL A 139 14.67 -4.26 -3.88
N ALA A 140 14.79 -3.95 -2.60
CA ALA A 140 16.00 -3.37 -2.04
C ALA A 140 17.06 -4.42 -1.78
N THR A 141 18.32 -4.05 -2.07
CA THR A 141 19.48 -4.91 -1.83
C THR A 141 20.73 -4.19 -1.30
N GLY A 142 20.73 -2.87 -1.16
CA GLY A 142 21.95 -2.12 -0.90
C GLY A 142 22.15 -1.71 0.56
N ASP A 143 23.02 -0.71 0.75
CA ASP A 143 23.40 -0.27 2.09
C ASP A 143 22.20 0.21 2.89
N ASP A 144 21.16 0.69 2.22
CA ASP A 144 20.01 1.30 2.88
C ASP A 144 18.84 0.34 3.09
N LYS A 145 19.00 -0.95 2.76
CA LYS A 145 17.88 -1.87 2.82
C LYS A 145 17.28 -1.94 4.23
N LYS A 146 18.13 -2.05 5.24
CA LYS A 146 17.59 -2.13 6.59
C LYS A 146 16.86 -0.87 6.97
N ARG A 147 17.36 0.30 6.53
CA ARG A 147 16.69 1.54 6.84
C ARG A 147 15.36 1.63 6.11
N ILE A 148 15.27 1.08 4.91
CA ILE A 148 13.99 1.08 4.19
C ILE A 148 12.96 0.25 4.95
N ILE A 149 13.36 -0.94 5.40
CA ILE A 149 12.48 -1.78 6.20
C ILE A 149 12.07 -1.07 7.47
N ASP A 150 13.00 -0.43 8.13
CA ASP A 150 12.63 0.24 9.37
C ASP A 150 11.70 1.42 9.13
N SER A 151 11.85 2.11 8.00
CA SER A 151 10.92 3.19 7.67
C SER A 151 9.51 2.65 7.48
N ALA A 152 9.36 1.51 6.82
CA ALA A 152 8.05 0.89 6.69
C ALA A 152 7.48 0.55 8.06
N ARG A 153 8.29 -0.10 8.88
CA ARG A 153 7.86 -0.53 10.21
C ARG A 153 7.40 0.66 11.03
N SER A 154 8.19 1.73 11.03
CA SER A 154 7.89 2.89 11.84
C SER A 154 6.57 3.52 11.43
N ALA A 155 6.33 3.64 10.13
CA ALA A 155 5.08 4.23 9.67
C ALA A 155 3.90 3.35 10.04
N TYR A 156 4.01 2.04 9.80
CA TYR A 156 2.94 1.13 10.19
C TYR A 156 2.69 1.17 11.69
N GLN A 157 3.75 1.24 12.49
CA GLN A 157 3.59 1.24 13.95
C GLN A 157 2.87 2.49 14.42
N GLU A 158 3.26 3.67 13.91
CA GLU A 158 2.55 4.88 14.29
C GLU A 158 1.08 4.80 13.90
N ALA A 159 0.78 4.30 12.70
CA ALA A 159 -0.60 4.12 12.28
C ALA A 159 -1.34 3.17 13.20
N MET A 160 -0.68 2.08 13.59
CA MET A 160 -1.32 1.13 14.48
C MET A 160 -1.62 1.78 15.81
N ASP A 161 -0.65 2.52 16.36
CA ASP A 161 -0.85 3.14 17.67
C ASP A 161 -2.05 4.09 17.64
N ILE A 162 -2.16 4.92 16.60
CA ILE A 162 -3.30 5.84 16.50
C ILE A 162 -4.59 5.05 16.33
N SER A 163 -4.56 4.02 15.49
CA SER A 163 -5.79 3.29 15.18
C SER A 163 -6.34 2.61 16.42
N LYS A 164 -5.47 2.10 17.29
CA LYS A 164 -5.92 1.41 18.48
C LYS A 164 -6.51 2.40 19.49
N LYS A 165 -6.03 3.64 19.50
CA LYS A 165 -6.55 4.64 20.41
C LYS A 165 -7.83 5.29 19.90
N GLU A 166 -7.99 5.43 18.58
CA GLU A 166 -8.99 6.31 18.04
C GLU A 166 -10.06 5.66 17.18
N MET A 167 -9.91 4.38 16.82
CA MET A 167 -10.85 3.75 15.93
C MET A 167 -11.36 2.46 16.55
N PRO A 168 -12.60 2.07 16.27
CA PRO A 168 -13.07 0.75 16.71
C PRO A 168 -12.35 -0.35 15.96
N PRO A 169 -12.32 -1.56 16.53
CA PRO A 169 -11.57 -2.65 15.92
C PRO A 169 -12.14 -3.14 14.61
N THR A 170 -13.36 -2.74 14.24
CA THR A 170 -13.92 -3.08 12.94
C THR A 170 -13.69 -2.01 11.88
N ASN A 171 -13.09 -0.87 12.22
CA ASN A 171 -12.93 0.19 11.23
CA ASN A 171 -12.93 0.19 11.23
C ASN A 171 -12.16 -0.34 10.02
N PRO A 172 -12.67 -0.19 8.80
CA PRO A 172 -11.97 -0.83 7.68
C PRO A 172 -10.56 -0.31 7.43
N ILE A 173 -10.27 0.95 7.73
CA ILE A 173 -8.90 1.45 7.61
C ILE A 173 -8.00 0.71 8.60
N ARG A 174 -8.45 0.60 9.85
CA ARG A 174 -7.68 -0.13 10.86
C ARG A 174 -7.47 -1.59 10.46
N LEU A 175 -8.52 -2.23 9.93
CA LEU A 175 -8.40 -3.61 9.51
C LEU A 175 -7.39 -3.75 8.38
N GLY A 176 -7.51 -2.89 7.35
CA GLY A 176 -6.59 -2.99 6.23
C GLY A 176 -5.15 -2.70 6.61
N LEU A 177 -4.96 -1.74 7.52
CA LEU A 177 -3.63 -1.48 8.05
C LEU A 177 -3.06 -2.72 8.69
N ALA A 178 -3.85 -3.38 9.55
CA ALA A 178 -3.36 -4.58 10.24
C ALA A 178 -3.07 -5.70 9.24
N LEU A 179 -3.96 -5.89 8.27
CA LEU A 179 -3.71 -6.88 7.23
C LEU A 179 -2.37 -6.66 6.58
N ASN A 180 -2.10 -5.41 6.18
CA ASN A 180 -0.88 -5.11 5.45
C ASN A 180 0.36 -5.17 6.34
N PHE A 181 0.26 -4.69 7.59
CA PHE A 181 1.38 -4.77 8.52
C PHE A 181 1.71 -6.21 8.82
N SER A 182 0.69 -7.06 8.91
CA SER A 182 0.92 -8.48 9.10
C SER A 182 1.68 -9.06 7.92
N VAL A 183 1.32 -8.67 6.68
CA VAL A 183 2.08 -9.11 5.50
C VAL A 183 3.51 -8.59 5.53
N PHE A 184 3.71 -7.33 5.94
CA PHE A 184 5.05 -6.80 6.15
C PHE A 184 5.84 -7.72 7.07
N HIS A 185 5.24 -8.14 8.18
CA HIS A 185 5.97 -8.99 9.11
C HIS A 185 6.34 -10.32 8.46
N TYR A 186 5.42 -10.89 7.70
CA TYR A 186 5.65 -12.21 7.13
C TYR A 186 6.68 -12.16 6.00
N GLU A 187 6.50 -11.23 5.06
CA GLU A 187 7.24 -11.24 3.81
C GLU A 187 8.48 -10.37 3.84
N ILE A 188 8.53 -9.33 4.66
CA ILE A 188 9.63 -8.38 4.66
C ILE A 188 10.53 -8.55 5.89
N ALA A 189 9.92 -8.61 7.08
CA ALA A 189 10.68 -8.63 8.31
C ALA A 189 11.08 -10.03 8.73
N ASN A 190 10.70 -11.05 7.99
CA ASN A 190 11.03 -12.43 8.34
C ASN A 190 10.51 -12.77 9.74
N SER A 191 9.31 -12.29 10.06
CA SER A 191 8.66 -12.47 11.35
C SER A 191 7.32 -13.15 11.16
N PRO A 192 7.30 -14.40 10.69
CA PRO A 192 6.01 -15.05 10.44
C PRO A 192 5.17 -15.20 11.69
N GLU A 193 5.76 -15.42 12.86
CA GLU A 193 4.94 -15.56 14.07
C GLU A 193 4.24 -14.25 14.40
N GLU A 194 4.95 -13.12 14.28
CA GLU A 194 4.33 -11.82 14.50
C GLU A 194 3.21 -11.59 13.50
N ALA A 195 3.40 -11.97 12.25
CA ALA A 195 2.38 -11.81 11.22
C ALA A 195 1.12 -12.58 11.58
N ILE A 196 1.28 -13.83 12.00
CA ILE A 196 0.15 -14.68 12.34
C ILE A 196 -0.55 -14.16 13.60
N SER A 197 0.22 -13.78 14.62
CA SER A 197 -0.38 -13.25 15.85
C SER A 197 -1.20 -11.99 15.54
N LEU A 198 -0.64 -11.07 14.75
CA LEU A 198 -1.35 -9.83 14.45
C LEU A 198 -2.64 -10.13 13.67
N ALA A 199 -2.57 -11.01 12.68
CA ALA A 199 -3.77 -11.30 11.91
C ALA A 199 -4.85 -11.93 12.79
N LYS A 200 -4.45 -12.83 13.68
CA LYS A 200 -5.43 -13.51 14.53
C LYS A 200 -6.07 -12.55 15.52
N THR A 201 -5.24 -11.77 16.22
CA THR A 201 -5.78 -10.83 17.20
C THR A 201 -6.67 -9.79 16.52
N THR A 202 -6.27 -9.32 15.34
CA THR A 202 -7.10 -8.35 14.62
C THR A 202 -8.43 -8.96 14.28
N PHE A 203 -8.42 -10.16 13.72
CA PHE A 203 -9.66 -10.83 13.34
C PHE A 203 -10.58 -11.02 14.54
N ASP A 204 -10.04 -11.50 15.65
CA ASP A 204 -10.87 -11.81 16.81
C ASP A 204 -11.43 -10.55 17.45
N GLU A 205 -10.64 -9.48 17.52
CA GLU A 205 -11.15 -8.24 18.09
C GLU A 205 -12.21 -7.61 17.20
N ALA A 206 -12.06 -7.75 15.88
CA ALA A 206 -13.11 -7.27 14.98
C ALA A 206 -14.38 -8.10 15.13
N MET A 207 -14.25 -9.42 15.17
N MET A 207 -14.26 -9.42 15.20
CA MET A 207 -15.41 -10.30 15.34
CA MET A 207 -15.45 -10.25 15.30
C MET A 207 -16.28 -9.84 16.50
C MET A 207 -16.29 -9.85 16.50
N ALA A 208 -15.65 -9.55 17.63
CA ALA A 208 -16.35 -9.18 18.84
C ALA A 208 -17.01 -7.82 18.78
N ASP A 209 -16.70 -7.00 17.77
CA ASP A 209 -17.27 -5.66 17.65
C ASP A 209 -18.28 -5.60 16.50
N LEU A 210 -18.47 -6.69 15.75
CA LEU A 210 -19.40 -6.66 14.62
C LEU A 210 -20.82 -6.35 15.05
N HIS A 211 -21.18 -6.73 16.28
CA HIS A 211 -22.56 -6.56 16.74
C HIS A 211 -22.98 -5.11 16.78
N THR A 212 -22.02 -4.18 16.77
CA THR A 212 -22.33 -2.76 16.88
C THR A 212 -22.69 -2.14 15.54
N LEU A 213 -22.54 -2.86 14.44
CA LEU A 213 -22.51 -2.28 13.11
C LEU A 213 -23.83 -2.42 12.37
N SER A 214 -24.07 -1.47 11.48
CA SER A 214 -25.14 -1.59 10.50
C SER A 214 -24.80 -2.68 9.48
N GLU A 215 -25.80 -3.03 8.66
CA GLU A 215 -25.57 -4.04 7.63
C GLU A 215 -24.47 -3.61 6.67
N ASP A 216 -24.45 -2.34 6.27
CA ASP A 216 -23.47 -1.92 5.29
C ASP A 216 -22.06 -1.89 5.89
N SER A 217 -21.94 -1.42 7.14
CA SER A 217 -20.64 -1.43 7.80
C SER A 217 -20.16 -2.87 8.03
N TYR A 218 -21.09 -3.74 8.40
CA TYR A 218 -20.77 -5.15 8.58
C TYR A 218 -20.17 -5.75 7.32
N LYS A 219 -20.76 -5.42 6.16
CA LYS A 219 -20.21 -5.92 4.91
C LYS A 219 -18.80 -5.41 4.68
N ASP A 220 -18.56 -4.12 4.95
CA ASP A 220 -17.23 -3.56 4.74
C ASP A 220 -16.20 -4.25 5.62
N SER A 221 -16.54 -4.44 6.90
CA SER A 221 -15.56 -5.00 7.84
C SER A 221 -15.34 -6.48 7.56
N THR A 222 -16.42 -7.23 7.32
CA THR A 222 -16.25 -8.67 7.12
C THR A 222 -15.47 -8.97 5.86
N LEU A 223 -15.55 -8.10 4.84
CA LEU A 223 -14.74 -8.32 3.65
C LEU A 223 -13.26 -8.39 3.99
N ILE A 224 -12.78 -7.44 4.80
CA ILE A 224 -11.37 -7.40 5.15
C ILE A 224 -11.04 -8.51 6.13
N MET A 225 -11.98 -8.84 7.02
CA MET A 225 -11.74 -9.95 7.92
C MET A 225 -11.51 -11.24 7.16
N GLN A 226 -12.23 -11.42 6.04
CA GLN A 226 -12.02 -12.61 5.24
C GLN A 226 -10.61 -12.66 4.65
N LEU A 227 -10.05 -11.50 4.29
CA LEU A 227 -8.66 -11.47 3.81
C LEU A 227 -7.68 -11.86 4.91
N LEU A 228 -7.91 -11.41 6.15
CA LEU A 228 -7.10 -11.85 7.27
C LEU A 228 -7.16 -13.36 7.42
N ARG A 229 -8.37 -13.92 7.33
CA ARG A 229 -8.51 -15.37 7.44
C ARG A 229 -7.84 -16.07 6.27
N ASP A 230 -7.94 -15.50 5.06
CA ASP A 230 -7.27 -16.10 3.91
C ASP A 230 -5.78 -16.18 4.15
N ASN A 231 -5.19 -15.11 4.66
CA ASN A 231 -3.74 -15.15 4.91
C ASN A 231 -3.40 -16.14 6.00
N LEU A 232 -4.20 -16.17 7.07
CA LEU A 232 -3.94 -17.16 8.12
C LEU A 232 -3.98 -18.57 7.57
N THR A 233 -4.91 -18.84 6.65
CA THR A 233 -4.97 -20.17 6.05
C THR A 233 -3.75 -20.44 5.19
N LEU A 234 -3.25 -19.42 4.50
CA LEU A 234 -2.05 -19.61 3.71
C LEU A 234 -0.84 -19.91 4.59
N TRP A 235 -0.84 -19.40 5.82
CA TRP A 235 0.36 -19.39 6.64
C TRP A 235 0.38 -20.48 7.70
N THR A 236 -0.73 -21.18 7.90
CA THR A 236 -0.83 -22.19 8.96
C THR A 236 -1.31 -23.52 8.39
N PHE B 1 0.81 -15.04 -3.55
CA PHE B 1 1.07 -13.94 -2.62
C PHE B 1 -0.09 -13.77 -1.63
N PRO B 2 0.21 -13.26 -0.44
CA PRO B 2 -0.85 -12.98 0.52
C PRO B 2 -1.62 -11.72 0.17
N ALA B 3 -2.80 -11.61 0.75
CA ALA B 3 -3.69 -10.50 0.48
C ALA B 3 -3.29 -9.22 1.20
N TPO B 4 -3.33 -8.11 0.48
CA TPO B 4 -3.18 -6.76 1.03
CB TPO B 4 -1.74 -6.19 0.79
CG2 TPO B 4 -0.70 -6.99 1.58
OG1 TPO B 4 -1.52 -6.33 -0.63
P TPO B 4 -0.26 -5.58 -1.30
O1P TPO B 4 -0.67 -5.51 -2.82
O2P TPO B 4 0.96 -6.38 -1.09
O3P TPO B 4 -0.10 -4.15 -0.70
C TPO B 4 -4.20 -5.87 0.38
O TPO B 4 -4.72 -6.19 -0.70
N VAL B 5 -4.53 -4.75 1.01
CA VAL B 5 -5.49 -3.81 0.46
C VAL B 5 -4.95 -2.41 0.37
MG MG C . 0.64 -7.00 19.95
MG MG D . -8.83 26.84 -8.55
MG MG E . 18.45 -1.15 -8.85
N1 L1T F . -12.62 3.64 -5.98
C4 L1T F . -13.90 5.09 -4.26
C5 L1T F . -13.41 4.81 -5.67
C6 L1T F . -14.96 5.97 -2.23
C7 L1T F . -15.76 6.82 -1.24
C8 L1T F . -16.92 7.42 -1.68
C10 L1T F . -17.23 8.41 0.49
C1 L1T F . -14.10 4.15 -0.51
C11 L1T F . -16.07 7.81 0.92
C12 L1T F . -15.33 7.01 0.07
C2 L1T F . -14.22 4.77 -1.90
C3 L1T F . -13.56 4.23 -3.15
C9 L1T F . -17.66 8.21 -0.81
N2 L1T F . -13.74 5.62 -6.57
S1 L1T F . -14.86 6.35 -3.80
H15 L1T F . -12.30 3.47 -6.93
H81 L1T F . -17.24 7.29 -2.70
H101 L1T F . -17.79 9.04 1.17
H12 L1T F . -15.09 4.09 -0.06
H13 L1T F . -13.68 3.15 -0.61
H11 L1T F . -13.46 4.76 0.11
H111 L1T F . -15.74 7.97 1.95
H121 L1T F . -14.41 6.53 0.41
H31 L1T F . -12.94 3.35 -3.21
H91 L1T F . -18.59 8.67 -1.14
H1 L1T F . -13.42 5.43 -7.51
H14 L1T F . -12.37 3.00 -5.26
#